data_5J2Z
#
_entry.id   5J2Z
#
_cell.length_a   51.281
_cell.length_b   68.696
_cell.length_c   156.226
_cell.angle_alpha   90.00
_cell.angle_beta   90.00
_cell.angle_gamma   90.00
#
_symmetry.space_group_name_H-M   'P 2 2 21'
#
loop_
_entity.id
_entity.type
_entity.pdbx_description
1 polymer UL37
2 non-polymer 'CALCIUM ION'
3 non-polymer 'SODIUM ION'
4 non-polymer 3,6,9,12,15,18,21-HEPTAOXATRICOSANE-1,23-DIOL
5 non-polymer DI(HYDROXYETHYL)ETHER
6 non-polymer 'CHLORIDE ION'
7 non-polymer 'ACETATE ION'
8 water water
#
_entity_poly.entity_id   1
_entity_poly.type   'polypeptide(L)'
_entity_poly.pdbx_seq_one_letter_code
;GPGSMEALVRALEEADHAVATVVQSRILEFFMAAGRETPAGVRGLWARALRLACRAYVETGTCEAAVLAENLAGLALWRL
RHDWDEGTAPLLELLGVVNGDDTTAALTEAGLRTSAEFGPDAMFRLVSEWCAAFDEALAGARSADDVLAAPRVVPPEQTA
RALVQPRFATLYDMDFVQDGLRYVAQHTNWALPLALAVRQMQNEGLKPLTRALFALTIADEFFHDRQNPTLREQFAEAAR
AVDEAALVPVGEVNATPRTAVEVRVSAALAHGDAYVRELRPGTVARRLRTDQGVLALLDPGAQAVHVAAAADLDHTQVDA
TGVWEAVAASASPLQVVEALVTAGFTRRHCDLLERAVLDRAPRLTAAQAAVGCTAVVGGVVHRLLDDYGPGLDYVRAYTD
VADTLEPLYGDVTAALGLPEKGVEAVVRACMAPRPPTEHVGAARAALLREVAAAERRAGLAHSAAREALNTWLAFRAQSR
WGLRADGAGETPMEAPTSAA
;
_entity_poly.pdbx_strand_id   A
#
# COMPACT_ATOMS: atom_id res chain seq x y z
N GLY A 3 26.29 -12.45 -5.71
CA GLY A 3 25.79 -11.99 -7.00
C GLY A 3 25.64 -13.13 -8.00
N SER A 4 24.41 -13.40 -8.45
CA SER A 4 24.17 -14.54 -9.33
C SER A 4 24.83 -14.34 -10.69
N MET A 5 24.49 -13.24 -11.38
CA MET A 5 25.11 -12.94 -12.66
C MET A 5 26.63 -12.90 -12.53
N GLU A 6 27.13 -12.20 -11.51
CA GLU A 6 28.57 -12.11 -11.27
C GLU A 6 29.18 -13.50 -11.13
N ALA A 7 28.60 -14.34 -10.27
CA ALA A 7 29.08 -15.70 -10.12
C ALA A 7 29.04 -16.46 -11.44
N LEU A 8 27.92 -16.35 -12.16
CA LEU A 8 27.78 -17.04 -13.44
C LEU A 8 28.90 -16.65 -14.40
N VAL A 9 29.29 -15.37 -14.40
CA VAL A 9 30.32 -14.92 -15.32
C VAL A 9 31.67 -15.51 -14.94
N ARG A 10 32.05 -15.40 -13.67
CA ARG A 10 33.27 -16.06 -13.20
C ARG A 10 33.28 -17.53 -13.61
N ALA A 11 32.16 -18.23 -13.39
CA ALA A 11 32.11 -19.67 -13.64
C ALA A 11 32.34 -19.97 -15.11
N LEU A 12 31.42 -19.54 -15.99
CA LEU A 12 31.58 -19.82 -17.41
C LEU A 12 32.91 -19.31 -17.98
N GLU A 13 33.57 -18.38 -17.28
CA GLU A 13 34.84 -17.85 -17.76
C GLU A 13 36.00 -18.81 -17.54
N GLU A 14 35.82 -19.84 -16.71
CA GLU A 14 36.87 -20.83 -16.48
C GLU A 14 37.18 -21.67 -17.71
N ALA A 15 36.60 -21.37 -18.87
CA ALA A 15 36.83 -22.16 -20.07
C ALA A 15 36.31 -23.58 -19.86
N ASP A 16 37.12 -24.57 -20.23
CA ASP A 16 36.75 -25.98 -20.12
C ASP A 16 35.49 -26.29 -20.92
N HIS A 17 35.17 -25.46 -21.91
CA HIS A 17 33.92 -25.60 -22.65
C HIS A 17 33.90 -26.84 -23.53
N ALA A 18 35.01 -27.58 -23.65
CA ALA A 18 35.07 -28.81 -24.43
C ALA A 18 34.46 -30.01 -23.70
N VAL A 19 33.90 -29.82 -22.50
CA VAL A 19 33.19 -30.85 -21.76
C VAL A 19 31.85 -30.28 -21.32
N ALA A 20 30.76 -31.00 -21.66
CA ALA A 20 29.42 -30.45 -21.55
C ALA A 20 28.91 -30.41 -20.12
N THR A 21 29.23 -31.42 -19.32
CA THR A 21 28.69 -31.51 -17.98
C THR A 21 29.35 -30.53 -17.00
N VAL A 22 30.64 -30.22 -17.18
CA VAL A 22 31.27 -29.22 -16.33
C VAL A 22 30.61 -27.86 -16.52
N VAL A 23 30.24 -27.54 -17.75
CA VAL A 23 29.51 -26.30 -17.99
C VAL A 23 28.03 -26.47 -17.63
N GLN A 24 27.52 -27.70 -17.68
CA GLN A 24 26.12 -27.96 -17.37
C GLN A 24 25.83 -27.87 -15.89
N SER A 25 26.86 -28.00 -15.04
CA SER A 25 26.69 -27.84 -13.61
C SER A 25 26.75 -26.37 -13.21
N ARG A 26 27.70 -25.63 -13.77
CA ARG A 26 27.79 -24.20 -13.49
C ARG A 26 26.53 -23.46 -13.90
N ILE A 27 25.77 -24.01 -14.84
CA ILE A 27 24.51 -23.39 -15.23
C ILE A 27 23.39 -23.81 -14.28
N LEU A 28 23.35 -25.09 -13.90
CA LEU A 28 22.34 -25.56 -12.96
C LEU A 28 22.46 -24.83 -11.61
N GLU A 29 23.68 -24.50 -11.18
CA GLU A 29 23.86 -23.71 -9.96
C GLU A 29 23.10 -22.40 -10.05
N PHE A 30 23.47 -21.56 -11.01
CA PHE A 30 22.77 -20.30 -11.24
C PHE A 30 21.26 -20.50 -11.31
N PHE A 31 20.81 -21.58 -11.96
CA PHE A 31 19.37 -21.83 -12.10
C PHE A 31 18.67 -21.81 -10.74
N MET A 32 19.41 -22.09 -9.67
CA MET A 32 18.85 -22.14 -8.33
C MET A 32 19.51 -21.17 -7.37
N ALA A 33 20.53 -20.43 -7.80
CA ALA A 33 21.23 -19.51 -6.93
C ALA A 33 20.25 -18.51 -6.31
N ALA A 34 20.68 -17.90 -5.20
CA ALA A 34 19.86 -16.91 -4.51
C ALA A 34 20.38 -15.49 -4.68
N GLY A 35 21.56 -15.31 -5.28
CA GLY A 35 22.14 -13.99 -5.39
C GLY A 35 21.23 -12.98 -6.04
N ARG A 36 20.80 -11.98 -5.28
CA ARG A 36 20.04 -10.88 -5.86
C ARG A 36 20.95 -9.98 -6.71
N GLU A 37 20.33 -9.29 -7.67
CA GLU A 37 21.02 -8.41 -8.59
C GLU A 37 20.58 -6.97 -8.40
N THR A 38 21.31 -6.05 -9.01
CA THR A 38 20.90 -4.66 -9.14
C THR A 38 20.87 -4.28 -10.61
N PRO A 39 20.05 -3.30 -10.99
CA PRO A 39 19.98 -2.95 -12.42
C PRO A 39 21.33 -2.54 -13.00
N ALA A 40 22.11 -1.72 -12.28
CA ALA A 40 23.44 -1.38 -12.77
C ALA A 40 24.33 -2.61 -12.87
N GLY A 41 24.15 -3.58 -11.96
CA GLY A 41 24.99 -4.75 -11.94
C GLY A 41 24.66 -5.72 -13.07
N VAL A 42 23.37 -5.87 -13.39
CA VAL A 42 23.00 -6.63 -14.57
C VAL A 42 23.50 -5.93 -15.83
N ARG A 43 23.27 -4.62 -15.91
CA ARG A 43 23.68 -3.89 -17.09
C ARG A 43 25.16 -4.06 -17.36
N GLY A 44 25.97 -4.01 -16.30
CA GLY A 44 27.41 -4.10 -16.46
C GLY A 44 27.91 -5.50 -16.81
N LEU A 45 27.10 -6.52 -16.58
CA LEU A 45 27.50 -7.90 -16.84
C LEU A 45 26.72 -8.56 -17.98
N TRP A 46 25.68 -7.92 -18.50
CA TRP A 46 24.76 -8.60 -19.41
C TRP A 46 25.48 -9.12 -20.64
N ALA A 47 26.11 -8.22 -21.40
CA ALA A 47 26.72 -8.60 -22.68
C ALA A 47 27.63 -9.80 -22.53
N ARG A 48 28.48 -9.82 -21.49
CA ARG A 48 29.36 -10.95 -21.28
C ARG A 48 28.58 -12.19 -20.84
N ALA A 49 27.66 -12.05 -19.90
CA ALA A 49 26.91 -13.19 -19.41
C ALA A 49 26.11 -13.84 -20.54
N LEU A 50 25.44 -13.04 -21.34
CA LEU A 50 24.71 -13.60 -22.47
C LEU A 50 25.64 -14.27 -23.48
N ARG A 51 26.79 -13.63 -23.78
CA ARG A 51 27.76 -14.25 -24.69
C ARG A 51 28.26 -15.57 -24.15
N LEU A 52 28.56 -15.63 -22.85
CA LEU A 52 28.97 -16.89 -22.25
C LEU A 52 27.90 -17.95 -22.46
N ALA A 53 26.68 -17.68 -22.02
CA ALA A 53 25.56 -18.62 -22.19
C ALA A 53 25.50 -19.14 -23.63
N CYS A 54 25.26 -18.25 -24.59
CA CYS A 54 25.38 -18.54 -26.00
C CYS A 54 26.58 -19.41 -26.35
N ARG A 55 27.75 -19.10 -25.77
CA ARG A 55 28.95 -19.89 -26.07
C ARG A 55 28.90 -21.24 -25.37
N ALA A 56 28.40 -21.29 -24.13
CA ALA A 56 28.24 -22.58 -23.48
C ALA A 56 27.34 -23.49 -24.30
N TYR A 57 26.31 -22.93 -24.95
CA TYR A 57 25.42 -23.76 -25.74
C TYR A 57 26.02 -24.13 -27.09
N VAL A 58 26.84 -23.24 -27.68
CA VAL A 58 27.50 -23.58 -28.94
C VAL A 58 28.59 -24.64 -28.72
N GLU A 59 29.17 -24.70 -27.53
CA GLU A 59 30.24 -25.66 -27.21
C GLU A 59 29.76 -26.81 -26.32
N THR A 60 28.46 -27.11 -26.33
CA THR A 60 27.93 -28.22 -25.53
C THR A 60 26.63 -28.74 -26.14
N GLY A 61 25.86 -27.83 -26.72
CA GLY A 61 24.55 -28.16 -27.24
C GLY A 61 23.55 -28.61 -26.22
N THR A 62 23.91 -28.61 -24.93
CA THR A 62 23.06 -29.20 -23.92
C THR A 62 21.84 -28.32 -23.66
N CYS A 63 20.88 -28.90 -22.93
CA CYS A 63 19.57 -28.29 -22.76
C CYS A 63 19.63 -27.09 -21.81
N GLU A 64 20.41 -27.20 -20.74
CA GLU A 64 20.42 -26.17 -19.71
C GLU A 64 21.11 -24.90 -20.21
N ALA A 65 22.14 -25.05 -21.04
CA ALA A 65 22.75 -23.87 -21.66
C ALA A 65 21.74 -23.11 -22.49
N ALA A 66 20.88 -23.82 -23.24
CA ALA A 66 19.92 -23.15 -24.11
C ALA A 66 18.77 -22.52 -23.33
N VAL A 67 18.38 -23.12 -22.22
CA VAL A 67 17.38 -22.46 -21.37
C VAL A 67 17.99 -21.22 -20.73
N LEU A 68 19.23 -21.31 -20.28
CA LEU A 68 19.87 -20.16 -19.67
C LEU A 68 19.99 -19.01 -20.65
N ALA A 69 20.47 -19.29 -21.87
CA ALA A 69 20.66 -18.21 -22.83
C ALA A 69 19.34 -17.60 -23.27
N GLU A 70 18.34 -18.42 -23.55
CA GLU A 70 17.08 -17.90 -24.07
C GLU A 70 16.29 -17.15 -23.00
N ASN A 71 16.42 -17.52 -21.72
CA ASN A 71 15.63 -16.92 -20.66
C ASN A 71 16.50 -16.15 -19.68
N LEU A 72 17.73 -15.86 -20.05
CA LEU A 72 18.62 -15.11 -19.18
C LEU A 72 18.04 -13.74 -18.86
N ALA A 73 17.33 -13.14 -19.80
CA ALA A 73 16.72 -11.84 -19.53
C ALA A 73 15.78 -11.93 -18.34
N GLY A 74 14.82 -12.86 -18.40
CA GLY A 74 13.88 -12.98 -17.32
C GLY A 74 14.48 -13.55 -16.05
N LEU A 75 15.42 -14.48 -16.19
CA LEU A 75 16.07 -15.03 -15.01
C LEU A 75 16.82 -13.95 -14.26
N ALA A 76 17.42 -13.00 -14.97
CA ALA A 76 18.20 -11.96 -14.32
C ALA A 76 17.29 -10.86 -13.76
N LEU A 77 16.15 -10.62 -14.38
CA LEU A 77 15.21 -9.64 -13.85
C LEU A 77 14.51 -10.16 -12.61
N TRP A 78 14.34 -11.49 -12.53
CA TRP A 78 13.50 -12.09 -11.51
C TRP A 78 13.95 -11.70 -10.11
N ARG A 79 15.26 -11.60 -9.89
CA ARG A 79 15.83 -11.34 -8.58
C ARG A 79 16.45 -9.94 -8.51
N LEU A 80 16.03 -9.04 -9.38
CA LEU A 80 16.60 -7.71 -9.40
C LEU A 80 16.02 -6.87 -8.26
N ARG A 81 16.90 -6.21 -7.51
CA ARG A 81 16.51 -5.31 -6.43
C ARG A 81 16.74 -3.88 -6.91
N HIS A 82 15.66 -3.11 -7.01
CA HIS A 82 15.70 -1.76 -7.56
C HIS A 82 15.28 -0.74 -6.50
N ASP A 83 15.98 0.39 -6.47
CA ASP A 83 15.68 1.52 -5.60
C ASP A 83 14.63 2.41 -6.29
N TRP A 84 13.37 2.30 -5.91
CA TRP A 84 12.35 2.98 -6.69
C TRP A 84 12.36 4.50 -6.57
N ASP A 85 13.17 5.10 -5.68
CA ASP A 85 13.33 6.54 -5.72
C ASP A 85 13.91 7.03 -7.05
N GLU A 86 14.66 6.18 -7.77
CA GLU A 86 15.18 6.55 -9.08
C GLU A 86 14.15 6.42 -10.20
N GLY A 87 12.96 5.89 -9.91
CA GLY A 87 11.98 5.69 -10.96
C GLY A 87 12.42 4.70 -12.02
N THR A 88 11.83 4.84 -13.20
CA THR A 88 11.95 3.80 -14.21
C THR A 88 13.23 3.87 -15.02
N ALA A 89 13.83 5.06 -15.16
CA ALA A 89 14.92 5.22 -16.12
C ALA A 89 16.04 4.20 -15.96
N PRO A 90 16.50 3.85 -14.75
CA PRO A 90 17.51 2.78 -14.65
C PRO A 90 17.04 1.45 -15.21
N LEU A 91 15.74 1.14 -15.14
CA LEU A 91 15.24 -0.12 -15.71
C LEU A 91 15.15 -0.06 -17.23
N LEU A 92 14.70 1.06 -17.79
CA LEU A 92 14.71 1.21 -19.24
C LEU A 92 16.13 1.13 -19.77
N GLU A 93 17.06 1.83 -19.13
CA GLU A 93 18.45 1.78 -19.56
C GLU A 93 18.96 0.34 -19.59
N LEU A 94 18.69 -0.42 -18.51
CA LEU A 94 19.01 -1.84 -18.51
C LEU A 94 18.36 -2.54 -19.71
N LEU A 95 17.04 -2.44 -19.84
CA LEU A 95 16.37 -3.12 -20.95
C LEU A 95 17.03 -2.78 -22.28
N GLY A 96 17.41 -1.51 -22.44
CA GLY A 96 18.15 -1.10 -23.63
C GLY A 96 19.37 -1.96 -23.91
N VAL A 97 20.10 -2.37 -22.86
CA VAL A 97 21.26 -3.23 -23.06
C VAL A 97 20.82 -4.66 -23.35
N VAL A 98 19.82 -5.15 -22.62
CA VAL A 98 19.36 -6.53 -22.76
C VAL A 98 18.92 -6.81 -24.19
N ASN A 99 18.31 -5.83 -24.85
CA ASN A 99 17.70 -6.03 -26.15
C ASN A 99 18.52 -5.39 -27.28
N GLY A 100 19.77 -5.04 -27.02
CA GLY A 100 20.62 -4.50 -28.05
C GLY A 100 21.00 -5.51 -29.13
N ASP A 101 21.56 -4.99 -30.23
CA ASP A 101 21.82 -5.82 -31.40
C ASP A 101 22.79 -6.96 -31.12
N ASP A 102 23.66 -6.80 -30.12
CA ASP A 102 24.62 -7.88 -29.81
C ASP A 102 23.93 -9.06 -29.14
N THR A 103 22.81 -8.83 -28.46
CA THR A 103 22.06 -9.94 -27.89
C THR A 103 21.40 -10.77 -28.97
N THR A 104 20.82 -10.11 -29.98
CA THR A 104 20.17 -10.84 -31.07
C THR A 104 21.20 -11.55 -31.93
N ALA A 105 22.33 -10.90 -32.21
CA ALA A 105 23.39 -11.57 -32.96
C ALA A 105 23.99 -12.72 -32.17
N ALA A 106 24.17 -12.56 -30.87
CA ALA A 106 24.77 -13.64 -30.08
C ALA A 106 23.86 -14.86 -30.07
N LEU A 107 22.56 -14.65 -29.86
CA LEU A 107 21.61 -15.76 -29.78
C LEU A 107 21.30 -16.32 -31.17
N THR A 108 21.11 -15.44 -32.14
CA THR A 108 20.90 -15.89 -33.50
C THR A 108 22.11 -16.67 -34.01
N GLU A 109 23.31 -16.13 -33.78
CA GLU A 109 24.53 -16.82 -34.21
C GLU A 109 24.75 -18.13 -33.46
N ALA A 110 24.07 -18.35 -32.33
CA ALA A 110 24.20 -19.58 -31.59
C ALA A 110 23.14 -20.59 -31.95
N GLY A 111 22.28 -20.27 -32.93
CA GLY A 111 21.14 -21.11 -33.25
C GLY A 111 20.01 -21.09 -32.23
N LEU A 112 20.00 -20.15 -31.29
CA LEU A 112 18.94 -20.05 -30.30
C LEU A 112 17.97 -18.94 -30.69
N ARG A 113 16.87 -18.86 -29.93
CA ARG A 113 15.80 -17.90 -30.19
C ARG A 113 15.97 -16.62 -29.37
N THR A 114 15.42 -15.53 -29.89
CA THR A 114 15.26 -14.31 -29.11
C THR A 114 13.87 -14.18 -28.51
N SER A 115 12.99 -15.14 -28.79
CA SER A 115 11.57 -14.98 -28.57
C SER A 115 11.03 -15.86 -27.45
N ALA A 116 11.90 -16.43 -26.62
CA ALA A 116 11.41 -17.15 -25.46
C ALA A 116 10.61 -16.22 -24.55
N GLU A 117 9.70 -16.80 -23.78
CA GLU A 117 8.81 -16.03 -22.92
C GLU A 117 9.57 -15.21 -21.88
N PHE A 118 10.72 -15.69 -21.43
CA PHE A 118 11.57 -14.93 -20.55
C PHE A 118 12.85 -14.50 -21.26
N GLY A 119 12.74 -14.35 -22.58
CA GLY A 119 13.82 -13.90 -23.42
C GLY A 119 13.85 -12.40 -23.59
N PRO A 120 14.86 -11.90 -24.31
CA PRO A 120 15.10 -10.45 -24.32
C PRO A 120 14.00 -9.67 -25.01
N ASP A 121 13.29 -10.27 -25.97
CA ASP A 121 12.19 -9.58 -26.64
C ASP A 121 10.97 -9.48 -25.74
N ALA A 122 10.53 -10.60 -25.16
CA ALA A 122 9.39 -10.53 -24.26
C ALA A 122 9.65 -9.58 -23.10
N MET A 123 10.83 -9.68 -22.48
CA MET A 123 11.13 -8.86 -21.32
C MET A 123 11.22 -7.39 -21.67
N PHE A 124 11.88 -7.07 -22.79
CA PHE A 124 11.95 -5.67 -23.21
C PHE A 124 10.56 -5.09 -23.46
N ARG A 125 9.72 -5.82 -24.22
CA ARG A 125 8.38 -5.34 -24.48
C ARG A 125 7.57 -5.19 -23.19
N LEU A 126 7.56 -6.21 -22.34
CA LEU A 126 6.68 -6.20 -21.17
C LEU A 126 7.19 -5.28 -20.06
N VAL A 127 8.50 -5.30 -19.76
CA VAL A 127 8.97 -4.41 -18.69
C VAL A 127 8.85 -2.95 -19.11
N SER A 128 8.88 -2.69 -20.42
CA SER A 128 8.64 -1.34 -20.94
C SER A 128 7.21 -0.90 -20.72
N GLU A 129 6.24 -1.75 -21.08
CA GLU A 129 4.85 -1.45 -20.78
C GLU A 129 4.65 -1.24 -19.28
N TRP A 130 5.27 -2.09 -18.45
CA TRP A 130 5.09 -2.00 -17.01
C TRP A 130 5.62 -0.69 -16.45
N CYS A 131 6.87 -0.35 -16.79
CA CYS A 131 7.42 0.96 -16.43
C CYS A 131 6.51 2.09 -16.89
N ALA A 132 5.91 1.95 -18.06
CA ALA A 132 4.97 2.97 -18.51
C ALA A 132 3.77 3.02 -17.59
N ALA A 133 3.25 1.85 -17.18
CA ALA A 133 2.13 1.83 -16.25
C ALA A 133 2.54 2.45 -14.92
N PHE A 134 3.73 2.09 -14.44
CA PHE A 134 4.26 2.65 -13.20
C PHE A 134 4.29 4.17 -13.22
N ASP A 135 4.96 4.76 -14.22
CA ASP A 135 5.02 6.21 -14.34
C ASP A 135 3.64 6.84 -14.30
N GLU A 136 2.65 6.15 -14.86
CA GLU A 136 1.29 6.67 -14.93
C GLU A 136 0.61 6.62 -13.57
N ALA A 137 0.90 5.57 -12.80
CA ALA A 137 0.37 5.43 -11.45
C ALA A 137 0.94 6.45 -10.47
N LEU A 138 2.10 7.04 -10.76
CA LEU A 138 2.73 8.00 -9.87
C LEU A 138 2.46 9.44 -10.26
N ALA A 139 1.64 9.66 -11.28
CA ALA A 139 1.39 11.01 -11.77
C ALA A 139 0.33 11.73 -10.97
N GLY A 140 -0.13 11.16 -9.85
CA GLY A 140 -1.18 11.74 -9.04
C GLY A 140 -0.73 12.91 -8.19
N ALA A 141 -1.39 13.06 -7.03
CA ALA A 141 -1.14 14.20 -6.17
C ALA A 141 0.19 14.05 -5.44
N ARG A 142 1.03 15.07 -5.55
CA ARG A 142 2.36 15.00 -4.95
C ARG A 142 2.35 15.41 -3.49
N SER A 143 1.48 16.35 -3.12
CA SER A 143 1.46 16.88 -1.76
C SER A 143 0.01 17.07 -1.32
N ALA A 144 -0.15 17.26 -0.02
CA ALA A 144 -1.48 17.52 0.54
C ALA A 144 -2.11 18.75 -0.09
N ASP A 145 -1.31 19.76 -0.42
CA ASP A 145 -1.86 20.95 -1.05
C ASP A 145 -2.55 20.61 -2.36
N ASP A 146 -2.02 19.62 -3.10
CA ASP A 146 -2.65 19.21 -4.35
C ASP A 146 -4.04 18.63 -4.11
N VAL A 147 -4.16 17.68 -3.17
CA VAL A 147 -5.45 17.11 -2.81
C VAL A 147 -6.42 18.20 -2.37
N LEU A 148 -5.97 19.14 -1.54
CA LEU A 148 -6.89 20.18 -1.09
C LEU A 148 -7.46 20.96 -2.26
N ALA A 149 -6.66 21.16 -3.31
CA ALA A 149 -7.12 21.87 -4.50
C ALA A 149 -8.01 21.01 -5.38
N ALA A 150 -7.79 19.70 -5.39
CA ALA A 150 -8.51 18.78 -6.26
C ALA A 150 -8.70 17.50 -5.47
N PRO A 151 -9.71 17.44 -4.66
CA PRO A 151 -9.87 16.27 -3.78
C PRO A 151 -10.47 15.08 -4.52
N ARG A 152 -9.64 14.51 -5.40
CA ARG A 152 -10.05 13.35 -6.18
C ARG A 152 -10.02 12.12 -5.29
N VAL A 153 -11.12 11.36 -5.29
CA VAL A 153 -11.25 10.15 -4.48
C VAL A 153 -10.87 8.94 -5.32
N VAL A 154 -9.79 8.26 -4.93
CA VAL A 154 -9.25 7.13 -5.67
C VAL A 154 -9.55 5.85 -4.88
N PRO A 155 -10.31 4.91 -5.44
CA PRO A 155 -10.48 3.63 -4.76
C PRO A 155 -9.13 2.97 -4.56
N PRO A 156 -8.77 2.60 -3.33
CA PRO A 156 -7.50 1.87 -3.15
C PRO A 156 -7.55 0.49 -3.77
N GLU A 157 -8.76 -0.04 -4.02
CA GLU A 157 -8.89 -1.28 -4.80
C GLU A 157 -8.27 -1.15 -6.18
N GLN A 158 -8.21 0.07 -6.72
CA GLN A 158 -7.57 0.35 -8.00
C GLN A 158 -6.10 0.67 -7.86
N THR A 159 -5.60 0.79 -6.63
CA THR A 159 -4.22 1.17 -6.41
C THR A 159 -3.27 0.14 -7.04
N ALA A 160 -2.58 0.54 -8.11
CA ALA A 160 -1.54 -0.26 -8.74
C ALA A 160 -2.12 -1.41 -9.54
N ARG A 161 -3.41 -1.35 -9.87
CA ARG A 161 -4.04 -2.49 -10.53
C ARG A 161 -3.55 -2.67 -11.96
N ALA A 162 -3.26 -1.58 -12.67
CA ALA A 162 -2.70 -1.74 -14.01
C ALA A 162 -1.33 -2.41 -13.97
N LEU A 163 -0.69 -2.48 -12.80
CA LEU A 163 0.62 -3.11 -12.69
C LEU A 163 0.55 -4.61 -12.49
N VAL A 164 -0.65 -5.17 -12.29
CA VAL A 164 -0.78 -6.60 -12.03
C VAL A 164 -1.85 -7.17 -12.96
N GLN A 165 -2.18 -6.43 -14.03
CA GLN A 165 -3.06 -6.93 -15.08
C GLN A 165 -2.46 -8.17 -15.76
N PRO A 166 -3.30 -8.99 -16.41
CA PRO A 166 -2.81 -10.26 -16.99
C PRO A 166 -1.61 -10.11 -17.94
N ARG A 167 -1.57 -9.04 -18.73
CA ARG A 167 -0.41 -8.78 -19.59
C ARG A 167 0.91 -8.93 -18.85
N PHE A 168 0.95 -8.55 -17.56
CA PHE A 168 2.16 -8.61 -16.75
C PHE A 168 2.18 -9.82 -15.79
N ALA A 169 1.37 -10.84 -16.04
CA ALA A 169 1.35 -12.01 -15.17
C ALA A 169 2.74 -12.59 -14.95
N THR A 170 3.55 -12.71 -16.00
CA THR A 170 4.86 -13.33 -15.87
C THR A 170 5.90 -12.44 -15.22
N LEU A 171 5.58 -11.17 -14.94
CA LEU A 171 6.46 -10.30 -14.16
C LEU A 171 6.13 -10.33 -12.68
N TYR A 172 4.96 -10.84 -12.31
CA TYR A 172 4.38 -10.54 -11.00
C TYR A 172 5.25 -11.01 -9.84
N ASP A 173 5.95 -12.14 -10.00
CA ASP A 173 6.76 -12.67 -8.91
C ASP A 173 8.16 -12.09 -8.86
N MET A 174 8.53 -11.22 -9.80
CA MET A 174 9.85 -10.60 -9.76
C MET A 174 9.93 -9.58 -8.63
N ASP A 175 11.09 -9.52 -7.97
CA ASP A 175 11.24 -8.69 -6.79
C ASP A 175 11.00 -7.21 -7.11
N PHE A 176 11.59 -6.70 -8.22
CA PHE A 176 11.43 -5.27 -8.50
C PHE A 176 9.98 -4.91 -8.79
N VAL A 177 9.17 -5.87 -9.26
CA VAL A 177 7.76 -5.60 -9.47
C VAL A 177 7.03 -5.50 -8.13
N GLN A 178 7.28 -6.46 -7.26
CA GLN A 178 6.63 -6.47 -5.95
C GLN A 178 7.03 -5.25 -5.13
N ASP A 179 8.30 -4.85 -5.22
CA ASP A 179 8.72 -3.65 -4.49
C ASP A 179 8.05 -2.41 -5.05
N GLY A 180 7.75 -2.40 -6.35
CA GLY A 180 7.10 -1.27 -6.99
C GLY A 180 5.64 -1.10 -6.64
N LEU A 181 4.90 -2.20 -6.53
CA LEU A 181 3.55 -2.14 -5.94
C LEU A 181 3.58 -1.49 -4.57
N ARG A 182 4.50 -1.95 -3.71
CA ARG A 182 4.68 -1.36 -2.39
C ARG A 182 4.90 0.15 -2.48
N TYR A 183 5.78 0.56 -3.39
CA TYR A 183 6.09 1.98 -3.55
C TYR A 183 4.86 2.76 -4.02
N VAL A 184 4.11 2.21 -4.97
CA VAL A 184 2.93 2.91 -5.49
C VAL A 184 1.88 3.08 -4.38
N ALA A 185 1.60 1.99 -3.65
CA ALA A 185 0.67 2.05 -2.54
C ALA A 185 1.09 3.16 -1.56
N GLN A 186 2.36 3.12 -1.14
CA GLN A 186 2.89 4.13 -0.23
C GLN A 186 2.65 5.54 -0.72
N HIS A 187 2.60 5.76 -2.04
CA HIS A 187 2.52 7.10 -2.58
C HIS A 187 1.13 7.53 -3.01
N THR A 188 0.14 6.65 -2.94
CA THR A 188 -1.20 7.01 -3.40
C THR A 188 -2.28 6.93 -2.32
N ASN A 189 -2.27 5.87 -1.49
CA ASN A 189 -3.40 5.65 -0.58
C ASN A 189 -3.54 6.74 0.48
N TRP A 190 -2.43 7.34 0.91
CA TRP A 190 -2.55 8.31 2.00
C TRP A 190 -3.54 9.44 1.66
N ALA A 191 -3.74 9.74 0.38
CA ALA A 191 -4.52 10.92 -0.02
C ALA A 191 -6.03 10.73 0.10
N LEU A 192 -6.51 9.50 0.28
CA LEU A 192 -7.95 9.29 0.26
C LEU A 192 -8.63 9.86 1.49
N PRO A 193 -8.14 9.62 2.70
CA PRO A 193 -8.81 10.22 3.87
C PRO A 193 -8.78 11.73 3.80
N LEU A 194 -7.71 12.30 3.22
CA LEU A 194 -7.63 13.74 3.05
C LEU A 194 -8.68 14.25 2.06
N ALA A 195 -8.85 13.55 0.94
CA ALA A 195 -9.86 13.98 -0.03
C ALA A 195 -11.26 13.90 0.56
N LEU A 196 -11.54 12.85 1.33
CA LEU A 196 -12.86 12.71 1.95
C LEU A 196 -13.11 13.82 2.98
N ALA A 197 -12.11 14.15 3.81
CA ALA A 197 -12.27 15.23 4.78
C ALA A 197 -12.46 16.58 4.09
N VAL A 198 -11.66 16.86 3.05
CA VAL A 198 -11.81 18.11 2.30
C VAL A 198 -13.20 18.22 1.70
N ARG A 199 -13.76 17.10 1.25
CA ARG A 199 -15.09 17.15 0.67
C ARG A 199 -16.13 17.52 1.71
N GLN A 200 -16.01 16.97 2.93
CA GLN A 200 -16.93 17.34 3.99
C GLN A 200 -16.76 18.81 4.36
N MET A 201 -15.51 19.24 4.57
CA MET A 201 -15.26 20.63 4.93
C MET A 201 -15.87 21.59 3.92
N GLN A 202 -15.88 21.20 2.65
CA GLN A 202 -16.44 22.03 1.58
C GLN A 202 -17.87 21.67 1.24
N ASN A 203 -18.51 20.83 2.06
CA ASN A 203 -19.85 20.33 1.80
C ASN A 203 -20.86 21.36 2.31
N GLU A 204 -21.55 22.02 1.39
CA GLU A 204 -22.41 23.14 1.77
C GLU A 204 -23.70 22.70 2.45
N GLY A 205 -23.98 21.40 2.51
CA GLY A 205 -25.12 20.86 3.22
C GLY A 205 -24.80 20.44 4.63
N LEU A 206 -23.61 20.76 5.13
CA LEU A 206 -23.24 20.50 6.50
C LEU A 206 -23.26 21.80 7.29
N LYS A 207 -23.29 21.67 8.61
CA LYS A 207 -23.36 22.82 9.47
C LYS A 207 -21.97 23.42 9.66
N PRO A 208 -21.91 24.72 9.99
CA PRO A 208 -20.60 25.38 10.11
C PRO A 208 -19.69 24.73 11.13
N LEU A 209 -20.21 24.34 12.29
CA LEU A 209 -19.37 23.69 13.30
C LEU A 209 -18.77 22.41 12.74
N THR A 210 -19.60 21.54 12.17
CA THR A 210 -19.10 20.34 11.50
C THR A 210 -17.97 20.68 10.54
N ARG A 211 -18.25 21.58 9.58
CA ARG A 211 -17.22 21.96 8.60
C ARG A 211 -15.98 22.52 9.29
N ALA A 212 -16.15 23.36 10.31
CA ALA A 212 -14.99 23.93 10.99
C ALA A 212 -14.14 22.85 11.65
N LEU A 213 -14.77 21.82 12.20
CA LEU A 213 -13.99 20.76 12.85
C LEU A 213 -13.28 19.89 11.83
N PHE A 214 -13.94 19.53 10.73
CA PHE A 214 -13.24 18.82 9.68
C PHE A 214 -12.00 19.57 9.22
N ALA A 215 -12.10 20.89 9.11
CA ALA A 215 -10.94 21.69 8.71
C ALA A 215 -9.77 21.48 9.67
N LEU A 216 -10.05 21.40 10.97
CA LEU A 216 -8.99 21.28 11.97
C LEU A 216 -8.38 19.89 11.96
N THR A 217 -9.19 18.84 11.76
CA THR A 217 -8.63 17.50 11.57
C THR A 217 -7.69 17.45 10.38
N ILE A 218 -8.03 18.17 9.30
CA ILE A 218 -7.18 18.19 8.11
C ILE A 218 -5.87 18.86 8.42
N ALA A 219 -5.92 20.06 9.04
CA ALA A 219 -4.70 20.76 9.41
C ALA A 219 -3.80 19.89 10.28
N ASP A 220 -4.39 19.14 11.21
CA ASP A 220 -3.57 18.35 12.14
C ASP A 220 -3.04 17.06 11.52
N GLU A 221 -3.84 16.38 10.69
CA GLU A 221 -3.37 15.10 10.14
C GLU A 221 -2.43 15.30 8.96
N PHE A 222 -2.66 16.31 8.14
CA PHE A 222 -1.98 16.36 6.86
C PHE A 222 -1.13 17.60 6.64
N PHE A 223 -1.23 18.63 7.49
CA PHE A 223 -0.44 19.85 7.29
C PHE A 223 0.46 20.21 8.45
N HIS A 224 0.21 19.69 9.66
CA HIS A 224 1.05 20.01 10.82
C HIS A 224 1.28 21.51 10.89
N ASP A 225 2.47 21.96 10.51
CA ASP A 225 2.77 23.38 10.54
C ASP A 225 2.87 24.04 9.17
N ARG A 226 2.79 23.27 8.09
CA ARG A 226 2.75 23.86 6.75
C ARG A 226 1.39 24.51 6.52
N GLN A 227 1.39 25.80 6.24
CA GLN A 227 0.16 26.59 6.25
C GLN A 227 -0.37 26.74 4.84
N ASN A 228 -1.55 26.27 4.63
CA ASN A 228 -2.26 26.37 3.37
C ASN A 228 -3.22 27.54 3.45
N PRO A 229 -3.19 28.47 2.49
CA PRO A 229 -4.09 29.63 2.58
C PRO A 229 -5.54 29.26 2.37
N THR A 230 -5.83 28.24 1.56
CA THR A 230 -7.20 27.80 1.35
C THR A 230 -7.78 27.14 2.60
N LEU A 231 -6.97 26.35 3.30
CA LEU A 231 -7.42 25.75 4.56
C LEU A 231 -7.69 26.84 5.58
N ARG A 232 -6.77 27.78 5.73
CA ARG A 232 -7.00 28.94 6.59
C ARG A 232 -8.28 29.66 6.20
N GLU A 233 -8.48 29.91 4.91
CA GLU A 233 -9.68 30.63 4.46
C GLU A 233 -10.93 29.84 4.77
N GLN A 234 -10.89 28.52 4.57
CA GLN A 234 -12.08 27.70 4.79
C GLN A 234 -12.45 27.63 6.26
N PHE A 235 -11.45 27.44 7.13
CA PHE A 235 -11.73 27.36 8.56
C PHE A 235 -12.32 28.67 9.08
N ALA A 236 -11.68 29.79 8.74
CA ALA A 236 -12.13 31.08 9.23
C ALA A 236 -13.56 31.40 8.80
N GLU A 237 -13.94 31.04 7.57
CA GLU A 237 -15.29 31.32 7.10
C GLU A 237 -16.31 30.47 7.86
N ALA A 238 -15.98 29.19 8.11
CA ALA A 238 -16.89 28.33 8.85
C ALA A 238 -16.93 28.71 10.32
N ALA A 239 -15.76 28.96 10.91
CA ALA A 239 -15.68 29.32 12.32
C ALA A 239 -16.47 30.60 12.59
N ARG A 240 -16.36 31.58 11.69
CA ARG A 240 -17.06 32.84 11.90
C ARG A 240 -18.57 32.67 11.88
N ALA A 241 -19.08 31.58 11.33
CA ALA A 241 -20.51 31.33 11.22
C ALA A 241 -21.02 30.32 12.26
N VAL A 242 -20.15 29.79 13.11
CA VAL A 242 -20.58 28.87 14.14
C VAL A 242 -21.39 29.61 15.20
N ASP A 243 -22.58 29.09 15.50
CA ASP A 243 -23.43 29.73 16.50
C ASP A 243 -22.71 29.85 17.83
N GLU A 244 -22.65 31.06 18.37
CA GLU A 244 -21.97 31.23 19.65
C GLU A 244 -22.64 30.44 20.77
N ALA A 245 -23.82 29.85 20.53
CA ALA A 245 -24.50 28.97 21.47
C ALA A 245 -23.82 27.63 21.63
N ALA A 246 -22.82 27.32 20.82
CA ALA A 246 -22.09 26.06 20.89
C ALA A 246 -20.92 26.12 21.86
N LEU A 247 -20.62 27.30 22.40
CA LEU A 247 -19.51 27.47 23.32
C LEU A 247 -20.00 27.56 24.77
N VAL A 248 -19.18 27.04 25.68
CA VAL A 248 -19.45 27.24 27.10
C VAL A 248 -19.17 28.69 27.47
N PRO A 249 -20.15 29.41 28.02
CA PRO A 249 -19.94 30.83 28.31
C PRO A 249 -18.91 31.07 29.42
N VAL A 250 -18.20 32.19 29.30
CA VAL A 250 -17.14 32.51 30.25
C VAL A 250 -17.70 32.56 31.67
N GLY A 251 -16.90 32.11 32.63
CA GLY A 251 -17.31 32.15 34.01
C GLY A 251 -18.16 30.99 34.48
N GLU A 252 -18.51 30.06 33.60
CA GLU A 252 -19.14 28.83 34.05
C GLU A 252 -18.08 27.89 34.63
N VAL A 253 -18.49 27.06 35.58
CA VAL A 253 -17.56 26.09 36.13
C VAL A 253 -17.17 25.12 35.03
N ASN A 254 -15.87 24.90 34.88
CA ASN A 254 -15.32 24.07 33.81
C ASN A 254 -15.42 24.74 32.45
N ALA A 255 -15.58 26.06 32.41
CA ALA A 255 -15.60 26.76 31.13
C ALA A 255 -14.27 26.62 30.40
N THR A 256 -13.17 26.75 31.13
CA THR A 256 -11.85 26.66 30.52
C THR A 256 -11.69 25.37 29.73
N PRO A 257 -10.97 25.39 28.61
CA PRO A 257 -10.73 24.14 27.87
C PRO A 257 -10.00 23.13 28.74
N ARG A 258 -10.54 21.91 28.78
CA ARG A 258 -10.13 20.89 29.74
C ARG A 258 -9.09 19.93 29.20
N THR A 259 -8.99 19.74 27.90
CA THR A 259 -8.19 18.67 27.33
C THR A 259 -7.25 19.19 26.24
N ALA A 260 -6.24 18.39 25.92
CA ALA A 260 -5.40 18.71 24.78
C ALA A 260 -6.23 18.98 23.54
N VAL A 261 -7.27 18.17 23.31
CA VAL A 261 -8.14 18.42 22.16
C VAL A 261 -8.89 19.73 22.34
N GLU A 262 -9.48 19.93 23.52
CA GLU A 262 -10.30 21.12 23.73
C GLU A 262 -9.46 22.38 23.69
N VAL A 263 -8.21 22.31 24.15
CA VAL A 263 -7.33 23.46 24.08
C VAL A 263 -7.07 23.81 22.62
N ARG A 264 -6.84 22.78 21.80
CA ARG A 264 -6.49 22.98 20.40
C ARG A 264 -7.68 23.51 19.60
N VAL A 265 -8.89 22.97 19.83
CA VAL A 265 -10.07 23.47 19.14
C VAL A 265 -10.37 24.92 19.56
N SER A 266 -10.16 25.23 20.85
CA SER A 266 -10.52 26.55 21.36
C SER A 266 -9.55 27.62 20.91
N ALA A 267 -8.25 27.30 20.89
CA ALA A 267 -7.26 28.27 20.45
C ALA A 267 -7.50 28.66 19.00
N ALA A 268 -7.96 27.71 18.17
CA ALA A 268 -8.23 28.01 16.77
C ALA A 268 -9.47 28.88 16.62
N LEU A 269 -10.57 28.48 17.27
CA LEU A 269 -11.78 29.29 17.17
C LEU A 269 -11.55 30.72 17.66
N ALA A 270 -10.96 30.86 18.86
CA ALA A 270 -10.73 32.20 19.40
C ALA A 270 -9.95 33.07 18.43
N HIS A 271 -8.95 32.51 17.77
CA HIS A 271 -8.10 33.28 16.87
C HIS A 271 -8.54 33.20 15.42
N GLY A 272 -9.60 32.46 15.11
CA GLY A 272 -10.03 32.30 13.72
C GLY A 272 -8.95 31.73 12.83
N ASP A 273 -8.03 30.95 13.39
CA ASP A 273 -6.82 30.52 12.71
C ASP A 273 -6.62 29.04 12.99
N ALA A 274 -6.79 28.22 11.95
CA ALA A 274 -6.66 26.78 12.09
C ALA A 274 -5.32 26.38 12.70
N TYR A 275 -4.27 27.16 12.44
CA TYR A 275 -2.91 26.77 12.82
C TYR A 275 -2.51 27.27 14.20
N VAL A 276 -3.38 27.98 14.90
CA VAL A 276 -3.20 28.25 16.32
C VAL A 276 -3.69 27.03 17.09
N ARG A 277 -2.85 26.50 17.97
CA ARG A 277 -3.17 25.28 18.70
C ARG A 277 -3.02 25.43 20.20
N GLU A 278 -2.48 26.54 20.68
CA GLU A 278 -2.21 26.76 22.09
C GLU A 278 -2.85 28.08 22.50
N LEU A 279 -2.95 28.28 23.80
CA LEU A 279 -3.40 29.54 24.36
C LEU A 279 -2.28 30.16 25.17
N ARG A 280 -2.16 31.48 25.09
CA ARG A 280 -1.29 32.16 26.02
C ARG A 280 -1.87 32.02 27.42
N PRO A 281 -1.11 31.54 28.40
CA PRO A 281 -1.66 31.40 29.76
C PRO A 281 -2.25 32.71 30.27
N GLY A 282 -3.54 32.69 30.55
CA GLY A 282 -4.30 33.89 30.84
C GLY A 282 -5.24 34.29 29.71
N THR A 283 -5.06 33.74 28.51
CA THR A 283 -5.88 34.14 27.37
C THR A 283 -7.22 33.45 27.47
N VAL A 284 -8.29 34.24 27.45
CA VAL A 284 -9.64 33.70 27.66
C VAL A 284 -10.08 33.01 26.39
N ALA A 285 -10.35 31.71 26.49
CA ALA A 285 -10.83 30.95 25.34
C ALA A 285 -12.06 30.17 25.76
N ARG A 286 -13.12 30.30 24.98
CA ARG A 286 -14.33 29.52 25.19
C ARG A 286 -14.14 28.12 24.61
N ARG A 287 -14.48 27.11 25.40
CA ARG A 287 -14.48 25.75 24.88
C ARG A 287 -15.86 25.38 24.37
N LEU A 288 -15.88 24.44 23.42
CA LEU A 288 -17.11 23.89 22.89
C LEU A 288 -17.85 23.09 23.96
N ARG A 289 -19.17 23.26 24.02
CA ARG A 289 -19.98 22.42 24.86
C ARG A 289 -19.79 20.97 24.50
N THR A 290 -19.82 20.09 25.50
CA THR A 290 -19.78 18.66 25.26
C THR A 290 -20.99 17.96 25.88
N ASP A 291 -22.04 18.71 26.19
CA ASP A 291 -23.27 18.12 26.70
C ASP A 291 -24.19 17.72 25.55
N GLN A 292 -25.18 16.89 25.86
CA GLN A 292 -26.01 16.31 24.81
C GLN A 292 -26.63 17.38 23.92
N GLY A 293 -26.91 18.58 24.48
CA GLY A 293 -27.48 19.66 23.68
C GLY A 293 -26.63 20.07 22.48
N VAL A 294 -25.31 19.96 22.58
CA VAL A 294 -24.46 20.48 21.51
C VAL A 294 -24.61 19.65 20.25
N LEU A 295 -25.18 18.44 20.36
CA LEU A 295 -25.41 17.63 19.18
C LEU A 295 -26.32 18.35 18.19
N ALA A 296 -27.24 19.18 18.69
CA ALA A 296 -28.13 19.93 17.82
C ALA A 296 -27.37 20.88 16.91
N LEU A 297 -26.12 21.22 17.23
CA LEU A 297 -25.29 22.04 16.38
C LEU A 297 -24.44 21.20 15.42
N LEU A 298 -24.61 19.88 15.41
CA LEU A 298 -23.83 18.99 14.57
C LEU A 298 -24.74 18.30 13.56
N ASP A 299 -24.14 17.69 12.65
CA ASP A 299 -24.97 16.95 11.69
C ASP A 299 -25.12 15.50 12.15
N PRO A 300 -26.31 14.92 11.98
CA PRO A 300 -26.56 13.59 12.58
C PRO A 300 -25.51 12.55 12.22
N GLY A 301 -25.08 12.49 10.96
CA GLY A 301 -24.17 11.45 10.56
C GLY A 301 -22.71 11.65 10.93
N ALA A 302 -22.32 12.84 11.38
CA ALA A 302 -20.91 13.15 11.61
C ALA A 302 -20.69 13.73 13.01
N GLN A 303 -21.42 13.23 14.01
CA GLN A 303 -21.28 13.78 15.35
C GLN A 303 -19.90 13.54 15.94
N ALA A 304 -19.23 12.45 15.55
CA ALA A 304 -17.91 12.15 16.12
C ALA A 304 -16.83 13.13 15.67
N VAL A 305 -17.06 13.97 14.65
CA VAL A 305 -16.07 14.98 14.31
C VAL A 305 -15.91 15.99 15.45
N HIS A 306 -16.91 16.12 16.33
CA HIS A 306 -16.74 16.81 17.61
C HIS A 306 -16.34 15.76 18.65
N VAL A 307 -15.03 15.46 18.68
CA VAL A 307 -14.53 14.26 19.35
C VAL A 307 -14.48 14.43 20.87
N ALA A 308 -14.36 15.67 21.35
CA ALA A 308 -14.44 15.90 22.79
C ALA A 308 -15.85 15.60 23.31
N ALA A 309 -16.88 16.01 22.58
CA ALA A 309 -18.24 15.65 22.95
C ALA A 309 -18.47 14.14 22.86
N ALA A 310 -18.04 13.51 21.77
CA ALA A 310 -18.27 12.07 21.65
C ALA A 310 -17.49 11.29 22.70
N ALA A 311 -16.38 11.82 23.19
CA ALA A 311 -15.60 11.13 24.22
C ALA A 311 -16.07 11.46 25.64
N ASP A 312 -17.03 12.37 25.81
CA ASP A 312 -17.50 12.74 27.15
C ASP A 312 -18.70 11.86 27.51
N LEU A 313 -18.39 10.59 27.76
CA LEU A 313 -19.40 9.53 27.83
C LEU A 313 -20.32 9.66 29.05
N ASP A 314 -19.86 10.25 30.16
CA ASP A 314 -20.77 10.40 31.29
C ASP A 314 -21.79 11.53 31.07
N HIS A 315 -21.56 12.41 30.10
CA HIS A 315 -22.52 13.46 29.74
C HIS A 315 -23.29 13.21 28.47
N THR A 316 -22.65 12.61 27.46
CA THR A 316 -23.17 12.66 26.11
C THR A 316 -23.10 11.28 25.49
N GLN A 317 -24.13 10.93 24.72
CA GLN A 317 -24.11 9.74 23.87
C GLN A 317 -24.32 10.16 22.42
N VAL A 318 -23.27 10.08 21.61
CA VAL A 318 -23.41 10.32 20.18
C VAL A 318 -24.05 9.10 19.52
N ASP A 319 -24.73 9.32 18.41
CA ASP A 319 -25.37 8.25 17.63
C ASP A 319 -24.36 7.72 16.61
N ALA A 320 -23.81 6.55 16.86
CA ALA A 320 -22.87 5.91 15.94
C ALA A 320 -23.43 4.60 15.37
N THR A 321 -24.73 4.33 15.56
CA THR A 321 -25.31 3.09 15.06
C THR A 321 -25.30 3.06 13.54
N GLY A 322 -25.63 4.18 12.91
CA GLY A 322 -25.60 4.22 11.46
C GLY A 322 -24.21 4.04 10.88
N VAL A 323 -23.21 4.71 11.47
CA VAL A 323 -21.86 4.59 10.94
C VAL A 323 -21.31 3.20 11.20
N TRP A 324 -21.66 2.59 12.34
CA TRP A 324 -21.26 1.22 12.58
C TRP A 324 -21.95 0.26 11.63
N GLU A 325 -23.22 0.53 11.27
CA GLU A 325 -23.88 -0.29 10.26
C GLU A 325 -23.10 -0.26 8.94
N ALA A 326 -22.57 0.91 8.57
CA ALA A 326 -21.93 1.04 7.26
C ALA A 326 -20.52 0.46 7.29
N VAL A 327 -19.79 0.69 8.38
CA VAL A 327 -18.46 0.09 8.57
C VAL A 327 -18.57 -1.43 8.57
N ALA A 328 -19.56 -1.96 9.31
CA ALA A 328 -19.68 -3.40 9.48
C ALA A 328 -20.13 -4.10 8.20
N ALA A 329 -20.81 -3.39 7.31
CA ALA A 329 -21.25 -3.96 6.05
C ALA A 329 -20.31 -3.66 4.88
N SER A 330 -19.19 -2.98 5.14
CA SER A 330 -18.29 -2.58 4.08
C SER A 330 -17.56 -3.78 3.49
N ALA A 331 -17.48 -3.82 2.17
CA ALA A 331 -16.81 -4.89 1.44
C ALA A 331 -15.58 -4.43 0.66
N SER A 332 -15.11 -3.21 0.87
CA SER A 332 -13.95 -2.71 0.14
C SER A 332 -13.28 -1.61 0.96
N PRO A 333 -12.00 -1.35 0.71
CA PRO A 333 -11.33 -0.20 1.35
C PRO A 333 -12.06 1.12 1.17
N LEU A 334 -12.45 1.44 -0.05
CA LEU A 334 -13.16 2.69 -0.31
C LEU A 334 -14.41 2.80 0.55
N GLN A 335 -15.21 1.74 0.60
CA GLN A 335 -16.43 1.77 1.38
C GLN A 335 -16.16 2.12 2.84
N VAL A 336 -15.23 1.41 3.47
CA VAL A 336 -15.05 1.51 4.90
C VAL A 336 -14.38 2.83 5.27
N VAL A 337 -13.38 3.25 4.50
CA VAL A 337 -12.72 4.54 4.74
C VAL A 337 -13.72 5.68 4.55
N GLU A 338 -14.55 5.62 3.51
CA GLU A 338 -15.52 6.68 3.29
C GLU A 338 -16.56 6.74 4.40
N ALA A 339 -16.99 5.58 4.93
CA ALA A 339 -17.93 5.57 6.04
C ALA A 339 -17.28 6.11 7.31
N LEU A 340 -16.02 5.75 7.54
CA LEU A 340 -15.28 6.24 8.70
C LEU A 340 -15.07 7.76 8.64
N VAL A 341 -14.39 8.24 7.60
CA VAL A 341 -13.96 9.64 7.57
C VAL A 341 -15.16 10.59 7.47
N THR A 342 -16.11 10.28 6.59
CA THR A 342 -17.26 11.20 6.48
C THR A 342 -18.06 11.28 7.79
N ALA A 343 -17.98 10.26 8.65
CA ALA A 343 -18.69 10.28 9.92
C ALA A 343 -17.87 10.93 11.03
N GLY A 344 -16.66 11.37 10.73
CA GLY A 344 -15.79 11.99 11.72
C GLY A 344 -14.77 11.06 12.36
N PHE A 345 -14.72 9.80 11.94
CA PHE A 345 -13.74 8.86 12.50
C PHE A 345 -12.43 8.94 11.72
N THR A 346 -11.83 10.12 11.78
CA THR A 346 -10.45 10.25 11.34
C THR A 346 -9.53 9.38 12.19
N ARG A 347 -8.27 9.34 11.76
CA ARG A 347 -7.29 8.50 12.43
C ARG A 347 -7.13 8.88 13.90
N ARG A 348 -7.02 10.18 14.20
CA ARG A 348 -6.86 10.60 15.58
C ARG A 348 -8.13 10.36 16.40
N HIS A 349 -9.30 10.62 15.82
CA HIS A 349 -10.55 10.41 16.56
C HIS A 349 -10.79 8.93 16.84
N CYS A 350 -10.39 8.04 15.94
CA CYS A 350 -10.48 6.62 16.23
C CYS A 350 -9.64 6.26 17.43
N ASP A 351 -8.45 6.85 17.52
CA ASP A 351 -7.56 6.53 18.61
C ASP A 351 -8.14 7.03 19.94
N LEU A 352 -8.69 8.24 19.96
CA LEU A 352 -9.23 8.82 21.20
C LEU A 352 -10.53 8.14 21.63
N LEU A 353 -11.43 7.88 20.68
CA LEU A 353 -12.70 7.25 21.03
C LEU A 353 -12.52 5.79 21.41
N GLU A 354 -11.51 5.13 20.88
CA GLU A 354 -11.23 3.76 21.31
C GLU A 354 -10.74 3.74 22.76
N ARG A 355 -9.86 4.69 23.12
CA ARG A 355 -9.38 4.77 24.51
C ARG A 355 -10.53 5.13 25.47
N ALA A 356 -11.35 6.10 25.10
CA ALA A 356 -12.44 6.55 25.97
C ALA A 356 -13.52 5.49 26.16
N VAL A 357 -13.77 4.66 25.15
CA VAL A 357 -14.82 3.66 25.29
C VAL A 357 -14.29 2.41 26.01
N LEU A 358 -13.11 1.93 25.64
CA LEU A 358 -12.58 0.73 26.28
C LEU A 358 -12.26 0.95 27.75
N ASP A 359 -12.06 2.20 28.17
CA ASP A 359 -11.92 2.49 29.58
C ASP A 359 -13.20 2.15 30.35
N ARG A 360 -14.36 2.21 29.67
CA ARG A 360 -15.62 1.80 30.28
C ARG A 360 -15.84 0.28 30.26
N ALA A 361 -14.99 -0.50 29.61
CA ALA A 361 -15.22 -1.93 29.50
C ALA A 361 -14.89 -2.55 30.83
N PRO A 362 -15.53 -3.68 31.16
CA PRO A 362 -16.48 -4.42 30.29
C PRO A 362 -17.97 -4.03 30.30
N ARG A 363 -18.39 -3.03 31.08
CA ARG A 363 -19.81 -2.71 31.22
C ARG A 363 -20.15 -1.53 30.33
N LEU A 364 -20.36 -1.83 29.05
CA LEU A 364 -20.72 -0.88 28.01
C LEU A 364 -22.20 -0.95 27.71
N THR A 365 -22.79 0.19 27.37
CA THR A 365 -24.12 0.17 26.76
C THR A 365 -24.02 -0.12 25.26
N ALA A 366 -25.16 -0.45 24.65
CA ALA A 366 -25.18 -0.73 23.22
C ALA A 366 -24.71 0.47 22.41
N ALA A 367 -25.08 1.68 22.84
CA ALA A 367 -24.68 2.88 22.10
C ALA A 367 -23.18 3.11 22.19
N GLN A 368 -22.59 2.89 23.36
CA GLN A 368 -21.15 3.01 23.51
C GLN A 368 -20.40 1.93 22.72
N ALA A 369 -20.93 0.71 22.74
CA ALA A 369 -20.34 -0.36 21.95
C ALA A 369 -20.31 -0.02 20.46
N ALA A 370 -21.34 0.67 19.96
CA ALA A 370 -21.31 1.13 18.57
C ALA A 370 -20.15 2.10 18.32
N VAL A 371 -19.96 3.05 19.24
CA VAL A 371 -18.85 3.98 19.11
C VAL A 371 -17.52 3.24 19.20
N GLY A 372 -17.44 2.23 20.08
CA GLY A 372 -16.18 1.51 20.26
C GLY A 372 -15.85 0.57 19.12
N CYS A 373 -16.84 -0.14 18.60
CA CYS A 373 -16.61 -0.96 17.41
C CYS A 373 -16.13 -0.09 16.24
N THR A 374 -16.82 1.03 15.99
CA THR A 374 -16.41 1.93 14.92
C THR A 374 -14.97 2.41 15.12
N ALA A 375 -14.62 2.82 16.33
CA ALA A 375 -13.28 3.34 16.57
C ALA A 375 -12.23 2.23 16.47
N VAL A 376 -12.55 1.04 16.98
CA VAL A 376 -11.58 -0.06 17.01
C VAL A 376 -11.28 -0.55 15.61
N VAL A 377 -12.31 -1.04 14.91
CA VAL A 377 -12.17 -1.34 13.49
C VAL A 377 -11.52 -0.19 12.76
N GLY A 378 -11.93 1.04 13.09
CA GLY A 378 -11.42 2.21 12.39
C GLY A 378 -9.91 2.38 12.50
N GLY A 379 -9.37 2.17 13.71
CA GLY A 379 -7.94 2.31 13.90
C GLY A 379 -7.16 1.25 13.17
N VAL A 380 -7.77 0.07 12.96
CA VAL A 380 -7.10 -0.97 12.19
C VAL A 380 -7.07 -0.59 10.71
N VAL A 381 -8.22 -0.14 10.18
CA VAL A 381 -8.30 0.33 8.81
C VAL A 381 -7.24 1.41 8.55
N HIS A 382 -7.16 2.43 9.41
CA HIS A 382 -6.19 3.51 9.18
C HIS A 382 -4.75 3.01 9.24
N ARG A 383 -4.47 1.94 10.02
CA ARG A 383 -3.13 1.34 9.97
C ARG A 383 -2.86 0.69 8.62
N LEU A 384 -3.87 0.02 8.04
CA LEU A 384 -3.72 -0.79 6.84
C LEU A 384 -3.76 0.04 5.55
N LEU A 385 -4.52 1.12 5.54
CA LEU A 385 -4.87 1.85 4.32
C LEU A 385 -3.64 2.26 3.50
N ASP A 386 -2.62 2.83 4.14
CA ASP A 386 -1.47 3.33 3.39
C ASP A 386 -0.67 2.21 2.73
N ASP A 387 -0.88 0.95 3.14
CA ASP A 387 -0.19 -0.19 2.55
C ASP A 387 -1.05 -0.96 1.55
N TYR A 388 -2.33 -0.61 1.44
CA TYR A 388 -3.25 -1.43 0.66
C TYR A 388 -2.78 -1.51 -0.79
N GLY A 389 -2.70 -2.74 -1.31
CA GLY A 389 -2.21 -2.99 -2.63
C GLY A 389 -2.32 -4.44 -3.03
N PRO A 390 -1.94 -4.73 -4.26
CA PRO A 390 -2.22 -6.06 -4.82
C PRO A 390 -1.04 -7.01 -4.70
N GLY A 391 -0.07 -6.68 -3.86
CA GLY A 391 1.17 -7.41 -3.80
C GLY A 391 1.45 -8.14 -2.50
N LEU A 392 2.64 -8.71 -2.45
CA LEU A 392 3.07 -9.50 -1.32
C LEU A 392 3.33 -8.63 -0.09
N ASP A 393 3.75 -7.39 -0.29
CA ASP A 393 3.99 -6.49 0.82
C ASP A 393 2.72 -6.24 1.63
N TYR A 394 1.59 -5.98 0.96
CA TYR A 394 0.33 -5.82 1.67
C TYR A 394 -0.13 -7.12 2.31
N VAL A 395 0.22 -8.27 1.71
CA VAL A 395 -0.04 -9.54 2.37
C VAL A 395 0.77 -9.61 3.67
N ARG A 396 2.03 -9.18 3.62
CA ARG A 396 2.85 -9.14 4.83
C ARG A 396 2.25 -8.19 5.85
N ALA A 397 1.90 -6.98 5.42
CA ALA A 397 1.46 -5.94 6.34
C ALA A 397 0.12 -6.31 6.96
N TYR A 398 -0.80 -6.85 6.15
CA TYR A 398 -2.07 -7.31 6.68
C TYR A 398 -1.89 -8.42 7.70
N THR A 399 -0.98 -9.36 7.44
CA THR A 399 -0.81 -10.48 8.36
C THR A 399 -0.26 -10.01 9.70
N ASP A 400 0.66 -9.05 9.67
CA ASP A 400 1.21 -8.50 10.90
C ASP A 400 0.15 -7.77 11.71
N VAL A 401 -0.70 -7.01 11.04
CA VAL A 401 -1.74 -6.27 11.76
C VAL A 401 -2.80 -7.25 12.29
N ALA A 402 -3.23 -8.19 11.46
CA ALA A 402 -4.25 -9.14 11.88
C ALA A 402 -3.78 -9.97 13.07
N ASP A 403 -2.49 -10.28 13.14
CA ASP A 403 -2.00 -11.11 14.21
C ASP A 403 -2.01 -10.38 15.55
N THR A 404 -2.02 -9.04 15.56
CA THR A 404 -2.08 -8.26 16.79
C THR A 404 -3.50 -8.07 17.32
N LEU A 405 -4.55 -8.55 16.63
CA LEU A 405 -5.90 -8.17 17.04
C LEU A 405 -6.36 -8.95 18.27
N GLU A 406 -6.03 -10.24 18.33
CA GLU A 406 -6.47 -11.02 19.48
C GLU A 406 -5.79 -10.54 20.76
N PRO A 407 -4.48 -10.33 20.80
CA PRO A 407 -3.89 -9.80 22.05
C PRO A 407 -4.39 -8.41 22.39
N LEU A 408 -4.70 -7.58 21.39
CA LEU A 408 -5.21 -6.24 21.68
C LEU A 408 -6.65 -6.27 22.16
N TYR A 409 -7.51 -7.05 21.50
CA TYR A 409 -8.94 -6.95 21.70
C TYR A 409 -9.60 -8.26 22.11
N GLY A 410 -8.84 -9.35 22.27
CA GLY A 410 -9.45 -10.58 22.76
C GLY A 410 -10.25 -10.38 24.04
N ASP A 411 -9.82 -9.45 24.88
CA ASP A 411 -10.40 -9.27 26.20
C ASP A 411 -11.65 -8.37 26.21
N VAL A 412 -11.96 -7.69 25.11
CA VAL A 412 -13.04 -6.71 25.10
C VAL A 412 -14.06 -6.96 23.99
N THR A 413 -13.92 -8.02 23.20
CA THR A 413 -14.87 -8.21 22.10
C THR A 413 -16.25 -8.56 22.62
N ALA A 414 -16.34 -9.44 23.62
CA ALA A 414 -17.64 -9.71 24.22
C ALA A 414 -18.27 -8.43 24.76
N ALA A 415 -17.47 -7.59 25.41
CA ALA A 415 -18.01 -6.34 25.95
C ALA A 415 -18.52 -5.43 24.85
N LEU A 416 -17.91 -5.48 23.66
CA LEU A 416 -18.37 -4.69 22.53
C LEU A 416 -19.53 -5.36 21.78
N GLY A 417 -19.97 -6.55 22.19
CA GLY A 417 -21.02 -7.27 21.49
C GLY A 417 -20.57 -8.11 20.31
N LEU A 418 -19.29 -8.19 20.05
CA LEU A 418 -18.72 -8.99 18.99
C LEU A 418 -18.43 -10.40 19.47
N PRO A 419 -18.54 -11.37 18.56
CA PRO A 419 -18.08 -12.73 18.85
C PRO A 419 -16.56 -12.76 18.93
N GLU A 420 -16.03 -13.89 19.36
CA GLU A 420 -14.58 -14.10 19.33
C GLU A 420 -14.06 -13.89 17.91
N LYS A 421 -12.97 -13.12 17.79
CA LYS A 421 -12.41 -12.71 16.50
C LYS A 421 -13.34 -11.80 15.74
N GLY A 422 -14.30 -11.18 16.42
CA GLY A 422 -15.22 -10.29 15.74
C GLY A 422 -14.50 -9.19 14.98
N VAL A 423 -13.46 -8.60 15.59
CA VAL A 423 -12.74 -7.50 14.96
C VAL A 423 -12.04 -7.96 13.68
N GLU A 424 -11.34 -9.09 13.75
CA GLU A 424 -10.73 -9.63 12.53
C GLU A 424 -11.76 -9.94 11.46
N ALA A 425 -12.96 -10.36 11.86
CA ALA A 425 -14.00 -10.68 10.88
C ALA A 425 -14.36 -9.46 10.05
N VAL A 426 -14.46 -8.28 10.70
CA VAL A 426 -14.88 -7.07 9.99
C VAL A 426 -13.74 -6.54 9.13
N VAL A 427 -12.54 -6.49 9.70
CA VAL A 427 -11.37 -6.01 8.97
C VAL A 427 -11.11 -6.86 7.72
N ARG A 428 -11.28 -8.17 7.84
CA ARG A 428 -11.06 -9.05 6.69
C ARG A 428 -12.05 -8.75 5.57
N ALA A 429 -13.29 -8.43 5.94
CA ALA A 429 -14.35 -8.25 4.96
C ALA A 429 -14.11 -7.01 4.07
N CYS A 430 -13.41 -6.00 4.57
CA CYS A 430 -13.17 -4.80 3.77
C CYS A 430 -11.72 -4.52 3.42
N MET A 431 -10.74 -5.13 4.11
CA MET A 431 -9.32 -4.84 3.87
C MET A 431 -8.49 -6.06 3.51
N ALA A 432 -9.09 -7.25 3.42
CA ALA A 432 -8.32 -8.45 3.14
C ALA A 432 -7.49 -8.29 1.86
N PRO A 433 -6.24 -8.75 1.85
CA PRO A 433 -5.44 -8.66 0.62
C PRO A 433 -6.15 -9.41 -0.51
N ARG A 434 -6.05 -8.85 -1.72
CA ARG A 434 -6.63 -9.47 -2.91
C ARG A 434 -5.61 -9.56 -4.03
N PRO A 435 -4.46 -10.20 -3.78
CA PRO A 435 -3.41 -10.28 -4.83
C PRO A 435 -3.79 -11.28 -5.89
N PRO A 436 -3.53 -11.00 -7.16
CA PRO A 436 -3.77 -11.99 -8.20
C PRO A 436 -2.75 -13.11 -8.15
N THR A 437 -2.88 -13.99 -7.16
CA THR A 437 -1.89 -15.04 -6.95
C THR A 437 -1.82 -16.04 -8.11
N GLU A 438 -2.87 -16.14 -8.92
CA GLU A 438 -2.77 -16.95 -10.13
C GLU A 438 -1.57 -16.58 -10.97
N HIS A 439 -1.10 -15.33 -10.86
CA HIS A 439 0.04 -14.91 -11.70
C HIS A 439 1.29 -15.70 -11.38
N VAL A 440 1.50 -16.02 -10.09
CA VAL A 440 2.62 -16.88 -9.70
C VAL A 440 2.62 -18.17 -10.52
N GLY A 441 1.46 -18.81 -10.65
CA GLY A 441 1.35 -20.01 -11.45
C GLY A 441 1.61 -19.77 -12.92
N ALA A 442 1.20 -18.60 -13.42
CA ALA A 442 1.42 -18.30 -14.83
C ALA A 442 2.89 -18.14 -15.14
N ALA A 443 3.65 -17.51 -14.25
CA ALA A 443 5.09 -17.34 -14.50
C ALA A 443 5.80 -18.68 -14.48
N ARG A 444 5.43 -19.56 -13.55
CA ARG A 444 6.04 -20.89 -13.50
C ARG A 444 5.72 -21.68 -14.75
N ALA A 445 4.45 -21.70 -15.15
CA ALA A 445 4.07 -22.37 -16.38
C ALA A 445 4.91 -21.85 -17.55
N ALA A 446 5.03 -20.53 -17.68
CA ALA A 446 5.77 -19.95 -18.80
C ALA A 446 7.21 -20.40 -18.79
N LEU A 447 7.89 -20.28 -17.64
CA LEU A 447 9.28 -20.69 -17.58
C LEU A 447 9.43 -22.18 -17.91
N LEU A 448 8.47 -23.01 -17.47
CA LEU A 448 8.57 -24.44 -17.72
C LEU A 448 8.18 -24.82 -19.15
N ARG A 449 7.32 -24.03 -19.81
CA ARG A 449 7.12 -24.25 -21.24
C ARG A 449 8.43 -24.07 -21.99
N GLU A 450 9.17 -23.00 -21.68
CA GLU A 450 10.45 -22.78 -22.33
C GLU A 450 11.39 -23.96 -22.10
N VAL A 451 11.39 -24.51 -20.89
CA VAL A 451 12.19 -25.71 -20.64
C VAL A 451 11.68 -26.86 -21.50
N ALA A 452 10.35 -27.03 -21.56
CA ALA A 452 9.78 -28.07 -22.40
C ALA A 452 10.28 -27.96 -23.83
N ALA A 453 10.26 -26.74 -24.39
CA ALA A 453 10.77 -26.54 -25.73
C ALA A 453 12.23 -26.95 -25.83
N ALA A 454 13.04 -26.56 -24.84
CA ALA A 454 14.44 -26.94 -24.83
C ALA A 454 14.60 -28.46 -24.79
N GLU A 455 13.83 -29.14 -23.94
CA GLU A 455 13.88 -30.61 -23.91
C GLU A 455 13.60 -31.18 -25.29
N ARG A 456 12.46 -30.82 -25.89
CA ARG A 456 12.12 -31.34 -27.21
C ARG A 456 13.20 -31.02 -28.23
N ARG A 457 13.66 -29.77 -28.24
CA ARG A 457 14.78 -29.41 -29.11
C ARG A 457 15.96 -30.36 -28.89
N ALA A 458 16.29 -30.63 -27.63
CA ALA A 458 17.36 -31.56 -27.26
C ALA A 458 16.89 -33.01 -27.27
N GLY A 459 15.76 -33.30 -27.90
CA GLY A 459 15.29 -34.69 -27.98
C GLY A 459 15.19 -35.37 -26.64
N LEU A 460 14.61 -34.68 -25.65
CA LEU A 460 14.46 -35.19 -24.30
C LEU A 460 13.00 -35.16 -23.89
N ALA A 461 12.56 -36.23 -23.24
CA ALA A 461 11.29 -36.24 -22.55
C ALA A 461 11.37 -35.54 -21.19
N HIS A 462 12.58 -35.26 -20.72
CA HIS A 462 12.83 -34.59 -19.45
C HIS A 462 14.27 -34.10 -19.46
N SER A 463 14.52 -33.03 -18.73
CA SER A 463 15.87 -32.48 -18.61
C SER A 463 16.16 -32.15 -17.15
N ALA A 464 17.45 -32.00 -16.85
CA ALA A 464 17.84 -31.53 -15.53
C ALA A 464 17.35 -30.11 -15.28
N ALA A 465 17.37 -29.27 -16.32
CA ALA A 465 16.88 -27.90 -16.16
C ALA A 465 15.46 -27.87 -15.60
N ARG A 466 14.63 -28.86 -15.97
CA ARG A 466 13.24 -28.84 -15.54
C ARG A 466 13.13 -29.01 -14.04
N GLU A 467 13.76 -30.04 -13.49
CA GLU A 467 13.60 -30.30 -12.06
C GLU A 467 14.33 -29.28 -11.20
N ALA A 468 15.28 -28.53 -11.76
CA ALA A 468 15.98 -27.50 -11.01
C ALA A 468 15.19 -26.21 -11.00
N LEU A 469 14.82 -25.70 -12.17
CA LEU A 469 13.92 -24.56 -12.23
C LEU A 469 12.62 -24.84 -11.49
N ASN A 470 12.10 -26.06 -11.63
CA ASN A 470 10.93 -26.47 -10.87
C ASN A 470 11.12 -26.24 -9.38
N THR A 471 12.22 -26.78 -8.83
CA THR A 471 12.45 -26.67 -7.39
C THR A 471 12.74 -25.24 -6.97
N TRP A 472 13.34 -24.43 -7.84
CA TRP A 472 13.51 -23.01 -7.51
C TRP A 472 12.16 -22.31 -7.44
N LEU A 473 11.38 -22.39 -8.52
CA LEU A 473 10.05 -21.80 -8.53
C LEU A 473 9.17 -22.37 -7.43
N ALA A 474 9.22 -23.69 -7.22
CA ALA A 474 8.42 -24.31 -6.17
C ALA A 474 8.79 -23.76 -4.79
N PHE A 475 10.06 -23.45 -4.56
CA PHE A 475 10.47 -22.88 -3.28
C PHE A 475 9.95 -21.47 -3.11
N ARG A 476 10.06 -20.65 -4.16
CA ARG A 476 9.60 -19.25 -4.06
C ARG A 476 8.10 -19.18 -3.80
N ALA A 477 7.32 -20.03 -4.47
CA ALA A 477 5.87 -19.99 -4.31
C ALA A 477 5.44 -20.32 -2.90
N GLN A 478 6.18 -21.20 -2.22
CA GLN A 478 5.88 -21.54 -0.84
C GLN A 478 6.51 -20.56 0.14
N SER A 479 7.76 -20.16 -0.13
CA SER A 479 8.47 -19.29 0.79
C SER A 479 7.87 -17.88 0.84
N ARG A 480 7.40 -17.39 -0.30
CA ARG A 480 6.85 -16.03 -0.41
C ARG A 480 5.33 -16.03 -0.25
N TRP A 481 4.64 -16.84 -1.05
CA TRP A 481 3.18 -16.88 -1.00
C TRP A 481 2.73 -18.15 -0.27
#